data_1QXA
#
_entry.id   1QXA
#
_cell.length_a   57.690
_cell.length_b   67.230
_cell.length_c   102.580
_cell.angle_alpha   90.00
_cell.angle_beta   90.00
_cell.angle_gamma   90.00
#
_symmetry.space_group_name_H-M   'C 2 2 21'
#
loop_
_entity.id
_entity.type
_entity.pdbx_description
1 polymer 'NPQTN specific sortase B'
2 polymer 'peptide GLY-GLY-GLY'
3 non-polymer '2-(TRIMETHYLAMMONIUM)ETHYL THIOL'
4 water water
#
loop_
_entity_poly.entity_id
_entity_poly.type
_entity_poly.pdbx_seq_one_letter_code
_entity_poly.pdbx_strand_id
1 'polypeptide(L)'
;GHHHHHHHHHHSSGHISGDAMEDKQERANYEKLQQKFQMLMSKHQAHVRPQFESLEKINKDIVGWIKLSGTSLNYPVLQG
KTNHDYLNLDFEREHRRKGSIFMDFRNELKNLNHNTILYGHHVGDNTMFDVLEDYLKQSFYEKHKIIEFDNKYGKYQLQV
FSAYKTTTKDNYIRTDFENDQDYQQFLDETKRKSVINSDVNVTVKDRIMTLSTCEDAYSETTKRIVVVAKIIKVS
;
A
2 'polypeptide(L)' GGG B
#
loop_
_chem_comp.id
_chem_comp.type
_chem_comp.name
_chem_comp.formula
ETM non-polymer '2-(TRIMETHYLAMMONIUM)ETHYL THIOL' 'C5 H14 N S 1'
#
# COMPACT_ATOMS: atom_id res chain seq x y z
N GLU A 22 -12.70 21.16 9.43
CA GLU A 22 -11.53 20.54 10.10
C GLU A 22 -10.66 19.78 9.11
N ASP A 23 -11.28 19.28 8.04
CA ASP A 23 -10.56 18.54 7.00
C ASP A 23 -9.34 19.37 6.61
N LYS A 24 -9.36 20.64 6.99
CA LYS A 24 -8.29 21.57 6.72
C LYS A 24 -7.02 21.07 7.40
N GLN A 25 -7.03 21.07 8.73
CA GLN A 25 -5.87 20.63 9.50
C GLN A 25 -5.48 19.19 9.16
N GLU A 26 -6.47 18.35 8.88
CA GLU A 26 -6.19 16.97 8.53
C GLU A 26 -5.20 16.96 7.37
N ARG A 27 -5.53 17.67 6.31
CA ARG A 27 -4.66 17.76 5.14
C ARG A 27 -3.34 18.41 5.50
N ALA A 28 -3.40 19.41 6.38
CA ALA A 28 -2.19 20.12 6.81
C ALA A 28 -1.22 19.16 7.51
N ASN A 29 -1.75 18.29 8.36
CA ASN A 29 -0.92 17.32 9.08
C ASN A 29 -0.15 16.41 8.13
N TYR A 30 -0.82 15.88 7.12
CA TYR A 30 -0.15 15.01 6.17
C TYR A 30 0.80 15.84 5.32
N GLU A 31 0.47 17.13 5.18
CA GLU A 31 1.27 18.05 4.38
C GLU A 31 2.58 18.32 5.10
N LYS A 32 2.51 18.49 6.42
CA LYS A 32 3.71 18.75 7.21
C LYS A 32 4.58 17.51 7.14
N LEU A 33 3.95 16.36 7.36
CA LEU A 33 4.63 15.08 7.37
C LEU A 33 5.25 14.70 6.01
N GLN A 34 4.60 15.08 4.93
CA GLN A 34 5.13 14.78 3.60
C GLN A 34 6.38 15.61 3.37
N GLN A 35 6.31 16.87 3.76
CA GLN A 35 7.43 17.79 3.61
C GLN A 35 8.59 17.33 4.49
N LYS A 36 8.26 16.74 5.64
CA LYS A 36 9.29 16.27 6.55
C LYS A 36 9.98 15.03 6.00
N PHE A 37 9.19 14.10 5.46
CA PHE A 37 9.74 12.88 4.89
C PHE A 37 10.70 13.20 3.76
N GLN A 38 10.27 14.04 2.84
CA GLN A 38 11.11 14.42 1.71
C GLN A 38 12.40 15.13 2.13
N MET A 39 12.36 15.87 3.23
CA MET A 39 13.57 16.55 3.68
C MET A 39 14.50 15.49 4.25
N LEU A 40 13.92 14.48 4.91
CA LEU A 40 14.71 13.40 5.48
C LEU A 40 15.29 12.54 4.35
N MET A 41 14.48 12.37 3.31
CA MET A 41 14.86 11.58 2.14
C MET A 41 15.98 12.29 1.40
N SER A 42 16.16 13.57 1.73
CA SER A 42 17.20 14.39 1.11
C SER A 42 18.35 14.57 2.10
N LYS A 43 18.01 14.52 3.38
CA LYS A 43 18.98 14.67 4.46
C LYS A 43 19.76 13.38 4.68
N HIS A 44 19.07 12.26 4.68
CA HIS A 44 19.71 10.97 4.89
C HIS A 44 19.85 10.18 3.60
N GLN A 45 19.18 10.66 2.55
CA GLN A 45 19.23 10.06 1.23
C GLN A 45 19.28 8.53 1.21
N ALA A 46 20.32 8.00 0.57
CA ALA A 46 20.53 6.56 0.44
C ALA A 46 20.14 5.78 1.68
N HIS A 47 20.41 6.37 2.85
CA HIS A 47 20.10 5.72 4.11
C HIS A 47 18.63 5.88 4.51
N VAL A 48 17.92 4.76 4.61
CA VAL A 48 16.52 4.75 4.99
C VAL A 48 16.35 4.48 6.48
N ARG A 49 17.38 3.94 7.11
CA ARG A 49 17.34 3.64 8.54
C ARG A 49 17.06 4.92 9.35
N PRO A 50 17.88 5.97 9.16
CA PRO A 50 17.69 7.22 9.89
C PRO A 50 16.33 7.87 9.58
N GLN A 51 15.90 7.76 8.33
CA GLN A 51 14.63 8.34 7.92
C GLN A 51 13.46 7.82 8.75
N PHE A 52 13.38 6.51 8.90
CA PHE A 52 12.28 5.90 9.65
C PHE A 52 12.43 5.88 11.16
N GLU A 53 13.64 6.09 11.67
CA GLU A 53 13.83 6.11 13.12
C GLU A 53 13.27 7.46 13.57
N SER A 54 13.21 8.38 12.63
CA SER A 54 12.67 9.73 12.85
C SER A 54 11.15 9.62 12.86
N LEU A 55 10.60 9.01 11.81
CA LEU A 55 9.16 8.85 11.72
C LEU A 55 8.59 8.10 12.90
N GLU A 56 9.32 7.08 13.36
CA GLU A 56 8.88 6.27 14.49
C GLU A 56 8.83 7.03 15.81
N LYS A 57 9.41 8.22 15.86
CA LYS A 57 9.35 9.04 17.07
C LYS A 57 7.92 9.55 17.22
N ILE A 58 7.28 9.78 16.08
CA ILE A 58 5.90 10.26 16.03
C ILE A 58 4.95 9.12 16.39
N ASN A 59 5.28 7.91 15.93
CA ASN A 59 4.47 6.73 16.19
C ASN A 59 5.27 5.49 15.79
N LYS A 60 5.52 4.60 16.75
CA LYS A 60 6.29 3.39 16.50
C LYS A 60 5.65 2.47 15.44
N ASP A 61 4.34 2.61 15.24
CA ASP A 61 3.64 1.77 14.27
C ASP A 61 3.90 2.17 12.81
N ILE A 62 4.66 3.23 12.59
CA ILE A 62 4.95 3.62 11.22
C ILE A 62 6.08 2.73 10.73
N VAL A 63 5.72 1.80 9.86
CA VAL A 63 6.66 0.82 9.32
C VAL A 63 7.13 1.09 7.89
N GLY A 64 6.53 2.08 7.23
CA GLY A 64 6.94 2.37 5.88
C GLY A 64 6.40 3.65 5.29
N TRP A 65 6.69 3.88 4.02
CA TRP A 65 6.21 5.05 3.32
C TRP A 65 5.91 4.64 1.90
N ILE A 66 4.76 5.08 1.37
CA ILE A 66 4.38 4.73 0.01
C ILE A 66 4.05 5.98 -0.80
N LYS A 67 4.77 6.15 -1.91
CA LYS A 67 4.55 7.32 -2.75
C LYS A 67 4.51 7.07 -4.26
N LEU A 68 3.57 7.75 -4.90
CA LEU A 68 3.40 7.70 -6.34
C LEU A 68 3.50 9.15 -6.81
N SER A 69 4.60 9.47 -7.50
CA SER A 69 4.83 10.81 -8.00
C SER A 69 3.69 11.36 -8.84
N GLY A 70 3.42 12.65 -8.69
CA GLY A 70 2.37 13.31 -9.43
C GLY A 70 0.95 13.01 -8.99
N THR A 71 0.78 12.40 -7.82
CA THR A 71 -0.57 12.08 -7.32
C THR A 71 -0.67 12.27 -5.80
N SER A 72 -1.89 12.13 -5.29
CA SER A 72 -2.15 12.29 -3.87
C SER A 72 -1.58 11.14 -3.02
N LEU A 73 -1.26 10.02 -3.67
CA LEU A 73 -0.69 8.89 -2.95
C LEU A 73 0.74 9.23 -2.53
N ASN A 74 0.90 9.53 -1.25
CA ASN A 74 2.19 9.89 -0.68
C ASN A 74 2.00 9.93 0.84
N TYR A 75 1.90 8.75 1.44
CA TYR A 75 1.66 8.61 2.87
C TYR A 75 2.53 7.62 3.64
N PRO A 76 2.46 7.67 4.97
CA PRO A 76 3.21 6.75 5.83
C PRO A 76 2.33 5.50 5.95
N VAL A 77 2.96 4.35 6.14
CA VAL A 77 2.22 3.11 6.25
C VAL A 77 2.27 2.60 7.69
N LEU A 78 1.10 2.33 8.26
CA LEU A 78 1.01 1.85 9.64
C LEU A 78 0.79 0.33 9.69
N GLN A 79 1.00 -0.19 10.88
CA GLN A 79 0.75 -1.58 11.17
C GLN A 79 0.54 -1.71 12.66
N GLY A 80 -0.67 -2.14 13.03
CA GLY A 80 -0.99 -2.36 14.42
C GLY A 80 -1.06 -3.85 14.68
N LYS A 81 -1.67 -4.27 15.79
CA LYS A 81 -1.79 -5.69 16.10
C LYS A 81 -2.85 -6.39 15.24
N THR A 82 -3.86 -5.64 14.83
CA THR A 82 -4.93 -6.20 14.02
C THR A 82 -5.18 -5.38 12.76
N ASN A 83 -6.11 -5.82 11.92
CA ASN A 83 -6.44 -5.11 10.70
C ASN A 83 -7.61 -4.14 10.83
N HIS A 84 -7.93 -3.74 12.04
CA HIS A 84 -8.97 -2.75 12.25
C HIS A 84 -8.39 -1.70 13.18
N ASP A 85 -7.12 -1.91 13.55
CA ASP A 85 -6.41 -1.01 14.44
C ASP A 85 -6.28 0.40 13.87
N TYR A 86 -5.91 0.52 12.60
CA TYR A 86 -5.79 1.84 12.00
C TYR A 86 -6.84 2.10 10.94
N LEU A 87 -8.00 1.46 11.11
CA LEU A 87 -9.12 1.62 10.19
C LEU A 87 -9.65 3.05 10.29
N ASN A 88 -9.78 3.56 11.52
CA ASN A 88 -10.27 4.92 11.70
C ASN A 88 -9.33 5.74 12.57
N LEU A 89 -8.03 5.59 12.36
CA LEU A 89 -7.00 6.34 13.10
C LEU A 89 -5.91 6.89 12.19
N ASP A 90 -5.55 8.16 12.35
CA ASP A 90 -4.49 8.77 11.54
C ASP A 90 -3.15 8.32 12.14
N PHE A 91 -2.02 8.84 11.64
CA PHE A 91 -0.71 8.41 12.10
C PHE A 91 -0.24 8.82 13.49
N GLU A 92 -0.96 9.74 14.14
CA GLU A 92 -0.60 10.18 15.48
C GLU A 92 -1.63 9.57 16.44
N ARG A 93 -2.36 8.59 15.92
CA ARG A 93 -3.40 7.87 16.67
C ARG A 93 -4.61 8.69 17.12
N GLU A 94 -5.16 9.49 16.22
CA GLU A 94 -6.34 10.27 16.53
C GLU A 94 -7.44 9.82 15.56
N HIS A 95 -8.68 9.73 16.04
CA HIS A 95 -9.78 9.28 15.20
C HIS A 95 -10.00 10.11 13.95
N ARG A 96 -10.16 9.41 12.82
CA ARG A 96 -10.39 10.01 11.51
C ARG A 96 -11.20 8.98 10.71
N ARG A 97 -12.11 9.46 9.87
CA ARG A 97 -12.92 8.54 9.08
C ARG A 97 -12.07 7.86 8.02
N LYS A 98 -11.11 8.59 7.48
CA LYS A 98 -10.22 8.08 6.45
C LYS A 98 -9.03 7.33 7.02
N GLY A 99 -8.98 7.21 8.34
CA GLY A 99 -7.89 6.51 8.99
C GLY A 99 -6.54 6.71 8.33
N SER A 100 -5.89 5.62 7.96
CA SER A 100 -4.59 5.73 7.30
C SER A 100 -4.28 4.50 6.48
N ILE A 101 -3.20 4.54 5.70
CA ILE A 101 -2.82 3.36 4.94
C ILE A 101 -2.13 2.42 5.92
N PHE A 102 -2.50 1.15 5.90
CA PHE A 102 -1.89 0.20 6.81
C PHE A 102 -1.64 -1.18 6.21
N MET A 103 -0.58 -1.80 6.69
CA MET A 103 -0.16 -3.12 6.25
C MET A 103 -0.93 -4.20 7.02
N ASP A 104 -1.10 -5.37 6.41
CA ASP A 104 -1.79 -6.46 7.06
C ASP A 104 -0.96 -6.81 8.31
N PHE A 105 -1.64 -6.95 9.44
CA PHE A 105 -0.99 -7.24 10.71
C PHE A 105 -0.12 -8.50 10.66
N ARG A 106 -0.33 -9.33 9.65
CA ARG A 106 0.41 -10.57 9.49
C ARG A 106 1.72 -10.43 8.73
N ASN A 107 1.97 -9.31 8.07
CA ASN A 107 3.18 -9.16 7.29
C ASN A 107 4.44 -8.78 8.07
N GLU A 108 5.54 -9.42 7.72
CA GLU A 108 6.81 -9.13 8.37
C GLU A 108 7.62 -8.16 7.52
N LEU A 109 8.41 -7.33 8.18
CA LEU A 109 9.26 -6.38 7.47
C LEU A 109 10.64 -7.03 7.45
N LYS A 110 11.58 -6.44 6.74
CA LYS A 110 12.93 -6.98 6.66
C LYS A 110 12.92 -8.25 5.80
N ASN A 111 12.12 -9.24 6.21
CA ASN A 111 12.00 -10.50 5.47
C ASN A 111 10.58 -10.66 4.94
N LEU A 112 10.27 -9.87 3.92
CA LEU A 112 8.96 -9.88 3.26
C LEU A 112 8.40 -11.26 2.95
N ASN A 113 7.08 -11.35 3.07
CA ASN A 113 6.37 -12.58 2.77
C ASN A 113 6.19 -12.56 1.27
N HIS A 114 5.68 -13.65 0.72
CA HIS A 114 5.45 -13.71 -0.72
C HIS A 114 4.60 -12.52 -1.13
N ASN A 115 3.53 -12.29 -0.37
CA ASN A 115 2.61 -11.22 -0.66
C ASN A 115 2.33 -10.31 0.53
N THR A 116 2.74 -9.05 0.38
CA THR A 116 2.53 -8.04 1.41
C THR A 116 1.30 -7.26 1.02
N ILE A 117 0.43 -6.96 2.00
CA ILE A 117 -0.81 -6.24 1.70
C ILE A 117 -0.98 -4.95 2.49
N LEU A 118 -1.37 -3.89 1.78
CA LEU A 118 -1.64 -2.59 2.38
C LEU A 118 -3.12 -2.30 2.11
N TYR A 119 -3.74 -1.51 2.99
CA TYR A 119 -5.15 -1.13 2.84
C TYR A 119 -5.27 0.37 3.02
N GLY A 120 -6.38 0.92 2.53
CA GLY A 120 -6.60 2.35 2.64
C GLY A 120 -8.01 2.68 2.18
N HIS A 121 -8.54 3.81 2.65
CA HIS A 121 -9.88 4.24 2.27
C HIS A 121 -9.97 4.84 0.87
N HIS A 122 -11.18 4.81 0.35
CA HIS A 122 -11.50 5.32 -0.97
C HIS A 122 -12.87 6.01 -0.83
N VAL A 123 -12.85 7.32 -0.58
CA VAL A 123 -14.08 8.06 -0.41
C VAL A 123 -14.38 9.04 -1.53
N GLY A 124 -13.43 9.27 -2.43
CA GLY A 124 -13.66 10.20 -3.51
C GLY A 124 -13.15 11.59 -3.18
N ASP A 125 -12.51 11.72 -2.03
CA ASP A 125 -11.96 13.00 -1.60
C ASP A 125 -10.64 13.21 -2.34
N ASN A 126 -10.17 12.15 -3.00
CA ASN A 126 -8.90 12.17 -3.72
C ASN A 126 -7.74 12.05 -2.73
N THR A 127 -7.87 11.12 -1.79
CA THR A 127 -6.86 10.92 -0.76
C THR A 127 -6.70 9.43 -0.46
N MET A 128 -5.71 9.11 0.37
CA MET A 128 -5.44 7.73 0.75
C MET A 128 -5.39 6.84 -0.50
N PHE A 129 -6.28 5.87 -0.59
CA PHE A 129 -6.26 5.00 -1.75
C PHE A 129 -7.22 5.34 -2.88
N ASP A 130 -7.61 6.60 -2.98
CA ASP A 130 -8.52 7.02 -4.05
C ASP A 130 -7.92 6.80 -5.44
N VAL A 131 -6.58 6.87 -5.54
CA VAL A 131 -5.89 6.71 -6.82
C VAL A 131 -5.90 5.29 -7.37
N LEU A 132 -6.28 4.31 -6.55
CA LEU A 132 -6.31 2.93 -7.03
C LEU A 132 -7.31 2.76 -8.16
N GLU A 133 -8.36 3.58 -8.16
CA GLU A 133 -9.40 3.53 -9.17
C GLU A 133 -8.90 3.99 -10.54
N ASP A 134 -7.91 4.87 -10.54
CA ASP A 134 -7.35 5.37 -11.78
C ASP A 134 -6.59 4.27 -12.48
N TYR A 135 -6.08 3.32 -11.70
CA TYR A 135 -5.34 2.20 -12.25
C TYR A 135 -6.19 1.24 -13.08
N LEU A 136 -7.50 1.45 -13.07
CA LEU A 136 -8.39 0.59 -13.85
C LEU A 136 -8.31 1.01 -15.33
N LYS A 137 -7.88 2.25 -15.55
CA LYS A 137 -7.72 2.78 -16.91
C LYS A 137 -6.28 2.58 -17.40
N GLN A 138 -6.14 1.88 -18.53
CA GLN A 138 -4.84 1.59 -19.14
C GLN A 138 -3.98 2.82 -19.38
N SER A 139 -4.61 3.91 -19.80
CA SER A 139 -3.88 5.15 -20.04
C SER A 139 -3.09 5.51 -18.79
N PHE A 140 -3.83 5.66 -17.69
CA PHE A 140 -3.24 6.03 -16.40
C PHE A 140 -2.11 5.08 -16.02
N TYR A 141 -2.37 3.78 -16.09
CA TYR A 141 -1.34 2.80 -15.73
C TYR A 141 -0.04 3.06 -16.49
N GLU A 142 -0.16 3.29 -17.80
CA GLU A 142 1.00 3.54 -18.64
C GLU A 142 1.87 4.68 -18.10
N LYS A 143 1.22 5.73 -17.62
CA LYS A 143 1.93 6.89 -17.09
C LYS A 143 2.34 6.75 -15.62
N HIS A 144 1.96 5.64 -14.98
CA HIS A 144 2.26 5.42 -13.55
C HIS A 144 2.56 3.95 -13.27
N LYS A 145 3.48 3.38 -14.03
CA LYS A 145 3.85 1.99 -13.88
C LYS A 145 4.62 1.66 -12.59
N ILE A 146 5.32 2.64 -12.05
CA ILE A 146 6.10 2.41 -10.83
C ILE A 146 5.61 3.15 -9.59
N ILE A 147 5.65 2.46 -8.46
CA ILE A 147 5.25 3.05 -7.20
C ILE A 147 6.38 2.85 -6.21
N GLU A 148 6.67 3.88 -5.42
CA GLU A 148 7.76 3.81 -4.46
C GLU A 148 7.32 3.35 -3.08
N PHE A 149 8.12 2.48 -2.48
CA PHE A 149 7.84 2.00 -1.14
C PHE A 149 9.16 1.89 -0.38
N ASP A 150 9.21 2.48 0.82
CA ASP A 150 10.42 2.42 1.62
C ASP A 150 10.14 2.12 3.09
N ASN A 151 11.12 1.54 3.77
CA ASN A 151 11.00 1.26 5.20
C ASN A 151 12.39 1.24 5.80
N LYS A 152 12.52 0.77 7.04
CA LYS A 152 13.83 0.73 7.72
C LYS A 152 14.84 -0.20 7.09
N TYR A 153 14.37 -1.18 6.33
CA TYR A 153 15.25 -2.17 5.73
C TYR A 153 15.68 -1.98 4.29
N GLY A 154 15.25 -0.91 3.66
CA GLY A 154 15.66 -0.68 2.28
C GLY A 154 14.62 0.04 1.44
N LYS A 155 15.00 0.40 0.23
CA LYS A 155 14.09 1.08 -0.70
C LYS A 155 13.51 0.10 -1.71
N TYR A 156 12.22 0.21 -1.95
CA TYR A 156 11.58 -0.68 -2.89
C TYR A 156 10.86 0.01 -4.01
N GLN A 157 10.63 -0.75 -5.06
CA GLN A 157 9.95 -0.25 -6.24
C GLN A 157 8.82 -1.20 -6.56
N LEU A 158 7.62 -0.65 -6.70
CA LEU A 158 6.45 -1.45 -7.01
C LEU A 158 6.14 -1.39 -8.49
N GLN A 159 6.26 -2.53 -9.15
CA GLN A 159 5.98 -2.59 -10.58
C GLN A 159 4.56 -3.11 -10.76
N VAL A 160 3.62 -2.20 -11.00
CA VAL A 160 2.24 -2.60 -11.16
C VAL A 160 2.07 -3.55 -12.35
N PHE A 161 1.42 -4.68 -12.12
CA PHE A 161 1.19 -5.65 -13.20
C PHE A 161 -0.26 -6.11 -13.27
N SER A 162 -1.10 -5.60 -12.36
CA SER A 162 -2.52 -5.94 -12.33
C SER A 162 -3.39 -4.99 -11.50
N ALA A 163 -4.58 -4.70 -12.02
CA ALA A 163 -5.54 -3.83 -11.36
C ALA A 163 -6.96 -4.34 -11.69
N TYR A 164 -7.83 -4.42 -10.69
CA TYR A 164 -9.18 -4.90 -10.93
C TYR A 164 -10.13 -4.70 -9.76
N LYS A 165 -11.42 -4.94 -10.03
CA LYS A 165 -12.44 -4.82 -8.99
C LYS A 165 -12.79 -6.22 -8.54
N THR A 166 -13.17 -6.35 -7.26
CA THR A 166 -13.53 -7.63 -6.71
C THR A 166 -14.63 -7.51 -5.67
N THR A 167 -15.47 -8.54 -5.61
CA THR A 167 -16.57 -8.59 -4.66
C THR A 167 -16.18 -9.46 -3.46
N THR A 168 -15.17 -10.31 -3.68
CA THR A 168 -14.67 -11.21 -2.65
C THR A 168 -13.74 -10.46 -1.71
N LYS A 169 -13.10 -11.19 -0.80
CA LYS A 169 -12.17 -10.59 0.16
C LYS A 169 -11.45 -11.67 0.95
N ASP A 170 -11.22 -12.80 0.30
CA ASP A 170 -10.56 -13.95 0.91
C ASP A 170 -9.26 -14.34 0.22
N ASN A 171 -9.33 -14.71 -1.05
CA ASN A 171 -8.16 -15.14 -1.80
C ASN A 171 -7.06 -14.09 -2.03
N TYR A 172 -7.44 -12.89 -2.46
CA TYR A 172 -6.45 -11.85 -2.73
C TYR A 172 -5.70 -11.36 -1.49
N ILE A 173 -6.15 -11.78 -0.30
CA ILE A 173 -5.48 -11.38 0.94
C ILE A 173 -4.66 -12.52 1.54
N ARG A 174 -3.98 -13.27 0.69
CA ARG A 174 -3.14 -14.37 1.15
C ARG A 174 -1.69 -13.92 1.26
N THR A 175 -1.09 -14.25 2.40
CA THR A 175 0.29 -13.86 2.71
C THR A 175 1.41 -14.74 2.18
N ASP A 176 1.27 -16.05 2.36
CA ASP A 176 2.26 -17.01 1.88
C ASP A 176 1.57 -18.22 1.27
N PHE A 177 2.36 -19.13 0.70
CA PHE A 177 1.75 -20.29 0.06
C PHE A 177 2.44 -21.62 0.37
N GLU A 178 1.66 -22.69 0.25
CA GLU A 178 2.13 -24.05 0.53
C GLU A 178 3.32 -24.49 -0.32
N ASN A 179 3.34 -24.04 -1.58
CA ASN A 179 4.41 -24.39 -2.51
C ASN A 179 4.40 -23.46 -3.72
N ASP A 180 5.41 -23.61 -4.59
CA ASP A 180 5.51 -22.78 -5.78
C ASP A 180 4.28 -22.91 -6.67
N GLN A 181 3.82 -24.15 -6.85
CA GLN A 181 2.63 -24.42 -7.65
C GLN A 181 1.45 -23.51 -7.25
N ASP A 182 1.16 -23.50 -5.94
CA ASP A 182 0.07 -22.67 -5.42
C ASP A 182 0.31 -21.20 -5.75
N TYR A 183 1.47 -20.68 -5.35
CA TYR A 183 1.82 -19.30 -5.63
C TYR A 183 1.73 -19.05 -7.12
N GLN A 184 2.14 -20.03 -7.90
CA GLN A 184 2.08 -19.95 -9.35
C GLN A 184 0.66 -19.68 -9.78
N GLN A 185 -0.29 -20.47 -9.26
CA GLN A 185 -1.71 -20.30 -9.60
C GLN A 185 -2.21 -18.91 -9.25
N PHE A 186 -1.87 -18.46 -8.05
CA PHE A 186 -2.26 -17.15 -7.57
C PHE A 186 -1.85 -16.07 -8.59
N LEU A 187 -0.58 -16.09 -8.96
CA LEU A 187 -0.05 -15.13 -9.93
C LEU A 187 -0.85 -15.21 -11.21
N ASP A 188 -1.05 -16.43 -11.72
CA ASP A 188 -1.80 -16.64 -12.94
C ASP A 188 -3.19 -15.98 -12.80
N GLU A 189 -3.90 -16.36 -11.75
CA GLU A 189 -5.23 -15.82 -11.49
C GLU A 189 -5.16 -14.31 -11.42
N THR A 190 -4.22 -13.80 -10.62
CA THR A 190 -4.07 -12.36 -10.48
C THR A 190 -3.88 -11.67 -11.83
N LYS A 191 -3.14 -12.32 -12.72
CA LYS A 191 -2.91 -11.74 -14.03
C LYS A 191 -4.16 -11.76 -14.89
N ARG A 192 -4.88 -12.88 -14.87
CA ARG A 192 -6.10 -13.02 -15.65
C ARG A 192 -7.19 -12.02 -15.23
N LYS A 193 -7.23 -11.68 -13.94
CA LYS A 193 -8.24 -10.73 -13.44
C LYS A 193 -7.98 -9.28 -13.85
N SER A 194 -6.73 -8.94 -14.08
CA SER A 194 -6.36 -7.59 -14.48
C SER A 194 -7.21 -7.00 -15.62
N VAL A 195 -7.52 -5.71 -15.51
CA VAL A 195 -8.28 -5.01 -16.54
C VAL A 195 -7.32 -4.14 -17.33
N ILE A 196 -6.02 -4.25 -17.00
CA ILE A 196 -4.98 -3.50 -17.66
C ILE A 196 -3.89 -4.46 -18.15
N ASN A 197 -3.17 -4.05 -19.18
CA ASN A 197 -2.12 -4.88 -19.76
C ASN A 197 -0.76 -4.40 -19.29
N SER A 198 0.05 -5.32 -18.80
CA SER A 198 1.37 -4.98 -18.29
C SER A 198 2.49 -5.78 -18.92
N ASP A 199 3.64 -5.13 -19.10
CA ASP A 199 4.80 -5.77 -19.70
C ASP A 199 5.60 -6.49 -18.61
N VAL A 200 5.24 -6.21 -17.35
CA VAL A 200 5.96 -6.82 -16.22
C VAL A 200 5.87 -8.34 -16.25
N ASN A 201 7.01 -8.98 -16.03
CA ASN A 201 7.10 -10.42 -16.01
C ASN A 201 7.31 -10.87 -14.58
N VAL A 202 6.28 -11.46 -13.98
CA VAL A 202 6.38 -11.93 -12.61
C VAL A 202 6.50 -13.44 -12.54
N THR A 203 7.33 -13.92 -11.61
CA THR A 203 7.54 -15.35 -11.43
C THR A 203 7.40 -15.75 -9.98
N VAL A 204 7.36 -17.05 -9.71
CA VAL A 204 7.22 -17.54 -8.35
C VAL A 204 8.47 -17.26 -7.53
N LYS A 205 9.41 -16.54 -8.11
CA LYS A 205 10.66 -16.19 -7.44
C LYS A 205 10.56 -14.76 -6.91
N ASP A 206 9.63 -14.00 -7.47
CA ASP A 206 9.42 -12.62 -7.09
C ASP A 206 8.47 -12.46 -5.90
N ARG A 207 8.60 -11.33 -5.21
CA ARG A 207 7.72 -11.02 -4.10
C ARG A 207 6.76 -9.97 -4.63
N ILE A 208 5.52 -10.00 -4.19
CA ILE A 208 4.53 -9.02 -4.65
C ILE A 208 3.91 -8.23 -3.50
N MET A 209 3.35 -7.08 -3.84
CA MET A 209 2.66 -6.24 -2.86
C MET A 209 1.27 -6.02 -3.41
N THR A 210 0.28 -6.10 -2.54
CA THR A 210 -1.11 -5.90 -2.93
C THR A 210 -1.68 -4.68 -2.26
N LEU A 211 -2.12 -3.72 -3.07
CA LEU A 211 -2.71 -2.52 -2.52
C LEU A 211 -4.23 -2.71 -2.62
N SER A 212 -4.89 -2.79 -1.48
CA SER A 212 -6.32 -3.01 -1.46
C SER A 212 -7.13 -1.86 -0.85
N THR A 213 -8.28 -1.62 -1.46
CA THR A 213 -9.19 -0.58 -0.98
C THR A 213 -9.92 -1.17 0.24
N CYS A 214 -10.27 -0.34 1.20
CA CYS A 214 -10.96 -0.84 2.40
C CYS A 214 -12.14 0.07 2.78
N GLU A 215 -13.29 -0.54 3.04
CA GLU A 215 -14.50 0.19 3.43
C GLU A 215 -14.53 0.38 4.95
N ASP A 216 -15.35 1.32 5.42
CA ASP A 216 -15.48 1.60 6.85
C ASP A 216 -15.98 0.36 7.59
N ALA A 217 -15.67 0.29 8.88
CA ALA A 217 -16.08 -0.83 9.73
C ALA A 217 -17.59 -1.11 9.61
N TYR A 218 -17.93 -2.31 9.19
CA TYR A 218 -19.31 -2.74 9.02
C TYR A 218 -20.00 -2.04 7.86
N SER A 219 -19.22 -1.36 7.03
CA SER A 219 -19.79 -0.68 5.86
C SER A 219 -20.37 -1.78 4.98
N GLU A 220 -19.63 -2.87 4.89
CA GLU A 220 -20.03 -4.05 4.11
C GLU A 220 -20.60 -3.72 2.74
N THR A 221 -20.09 -2.64 2.12
CA THR A 221 -20.54 -2.25 0.79
C THR A 221 -20.13 -3.32 -0.21
N THR A 222 -19.13 -4.11 0.19
CA THR A 222 -18.62 -5.20 -0.65
C THR A 222 -18.39 -4.78 -2.09
N LYS A 223 -17.20 -4.23 -2.34
CA LYS A 223 -16.79 -3.77 -3.67
C LYS A 223 -15.43 -3.12 -3.52
N ARG A 224 -14.38 -3.88 -3.84
CA ARG A 224 -13.04 -3.36 -3.68
C ARG A 224 -12.21 -3.23 -4.94
N ILE A 225 -11.30 -2.26 -4.90
CA ILE A 225 -10.37 -2.05 -5.99
C ILE A 225 -9.04 -2.62 -5.53
N VAL A 226 -8.49 -3.54 -6.32
CA VAL A 226 -7.21 -4.16 -5.99
C VAL A 226 -6.15 -3.86 -7.04
N VAL A 227 -4.96 -3.47 -6.60
CA VAL A 227 -3.84 -3.22 -7.51
C VAL A 227 -2.69 -4.11 -7.03
N VAL A 228 -2.08 -4.87 -7.94
CA VAL A 228 -0.99 -5.78 -7.55
C VAL A 228 0.31 -5.44 -8.25
N ALA A 229 1.41 -5.49 -7.51
CA ALA A 229 2.70 -5.14 -8.12
C ALA A 229 3.86 -6.06 -7.74
N LYS A 230 4.88 -6.08 -8.59
CA LYS A 230 6.07 -6.88 -8.34
C LYS A 230 7.00 -6.04 -7.48
N ILE A 231 7.41 -6.56 -6.32
CA ILE A 231 8.29 -5.82 -5.42
C ILE A 231 9.77 -5.98 -5.80
N ILE A 232 10.46 -4.86 -5.98
CA ILE A 232 11.88 -4.86 -6.34
C ILE A 232 12.70 -3.98 -5.39
N LYS A 233 13.68 -4.59 -4.72
CA LYS A 233 14.54 -3.85 -3.82
C LYS A 233 15.55 -3.07 -4.66
N VAL A 234 15.45 -1.75 -4.63
CA VAL A 234 16.34 -0.90 -5.40
C VAL A 234 17.38 -0.23 -4.52
N SER A 235 17.83 -0.93 -3.49
CA SER A 235 18.83 -0.39 -2.58
C SER A 235 19.73 -1.49 -2.04
N GLY B 1 -13.19 -2.94 6.06
CA GLY B 1 -13.30 -3.95 7.09
C GLY B 1 -14.68 -4.00 7.73
N GLY B 2 -15.64 -4.63 7.05
CA GLY B 2 -16.98 -4.74 7.59
C GLY B 2 -17.43 -6.17 7.75
N GLY B 3 -18.72 -6.37 8.03
CA GLY B 3 -19.24 -7.71 8.20
C GLY B 3 -18.79 -8.37 9.48
SD ETM C . -10.01 -3.98 5.91
C1 ETM C . -9.06 -5.09 6.16
C2 ETM C . -9.18 -5.86 7.48
N1 ETM C . -9.83 -7.22 7.12
C3 ETM C . -11.29 -7.07 6.71
C4 ETM C . -9.82 -8.08 8.29
C5 ETM C . -9.09 -7.99 6.08
#